data_2AXO
#
_entry.id   2AXO
#
_cell.length_a   44.017
_cell.length_b   57.296
_cell.length_c   143.895
_cell.angle_alpha   90.00
_cell.angle_beta   90.00
_cell.angle_gamma   90.00
#
_symmetry.space_group_name_H-M   'C 2 2 21'
#
loop_
_entity.id
_entity.type
_entity.pdbx_description
1 polymer 'hypothetical protein Atu2684'
2 water water
#
_entity_poly.entity_id   1
_entity_poly.type   'polypeptide(L)'
_entity_poly.pdbx_seq_one_letter_code
;(MSE)ISSIRLDLFRTKVFV(MSE)PLKFPLSICLLGTFLVTSAQAQEAVKGVVELFTSQGCASCPPADEALRK(MSE)I
QKGDVVGLSYHVDYWNYLGWTDSLASKENTERQYGY(MSE)RALGRNGVYTPQAILNGRDHVKGADVRGIYDRLDAFKRE
GQGLNVPVSSKFAGDEVEIDIGAGNGKADVVVAYFTREQTVDVQKGENQGKK(MSE)SYWHSVYDVQTVG(MSE)WDGSP
(MSE)TVKLPASVVAKVKKGGCAVLLQTANASGDPAAIVGASILLGNETQLEHHHHHH
;
_entity_poly.pdbx_strand_id   A
#
# COMPACT_ATOMS: atom_id res chain seq x y z
N ALA A 38 14.69 4.64 18.24
CA ALA A 38 14.00 3.67 17.34
C ALA A 38 15.00 2.69 16.71
N GLN A 39 15.22 2.84 15.41
CA GLN A 39 16.15 1.98 14.67
C GLN A 39 16.19 2.46 13.21
N GLU A 40 16.25 1.51 12.27
CA GLU A 40 16.30 1.84 10.84
C GLU A 40 14.90 2.12 10.28
N ALA A 41 14.74 3.27 9.65
CA ALA A 41 13.45 3.65 9.08
C ALA A 41 12.97 2.73 7.95
N VAL A 42 11.65 2.72 7.73
CA VAL A 42 11.03 1.91 6.69
C VAL A 42 11.72 2.22 5.36
N LYS A 43 11.94 1.19 4.55
CA LYS A 43 12.64 1.37 3.28
C LYS A 43 11.82 1.95 2.12
N GLY A 44 10.51 1.75 2.14
CA GLY A 44 9.68 2.28 1.07
C GLY A 44 8.30 1.63 1.00
N VAL A 45 7.59 1.89 -0.08
CA VAL A 45 6.25 1.35 -0.29
C VAL A 45 6.20 0.41 -1.48
N VAL A 46 5.60 -0.76 -1.27
CA VAL A 46 5.46 -1.75 -2.34
C VAL A 46 3.98 -2.07 -2.52
N GLU A 47 3.43 -1.67 -3.67
CA GLU A 47 2.04 -1.91 -3.99
C GLU A 47 1.96 -2.94 -5.10
N LEU A 48 1.46 -4.12 -4.75
CA LEU A 48 1.36 -5.21 -5.71
C LEU A 48 -0.04 -5.36 -6.29
N PHE A 49 -0.13 -5.40 -7.62
CA PHE A 49 -1.40 -5.59 -8.28
C PHE A 49 -1.36 -7.05 -8.70
N THR A 50 -2.34 -7.81 -8.22
CA THR A 50 -2.39 -9.24 -8.44
C THR A 50 -3.83 -9.72 -8.55
N SER A 51 -4.03 -11.03 -8.55
CA SER A 51 -5.37 -11.62 -8.62
C SER A 51 -5.27 -13.12 -8.45
N GLN A 52 -6.28 -13.74 -7.86
CA GLN A 52 -6.22 -15.17 -7.68
C GLN A 52 -6.45 -15.83 -9.03
N GLY A 53 -7.03 -15.08 -9.98
CA GLY A 53 -7.28 -15.63 -11.31
C GLY A 53 -6.05 -15.56 -12.22
N CYS A 54 -5.01 -14.90 -11.72
CA CYS A 54 -3.74 -14.74 -12.45
C CYS A 54 -2.77 -15.86 -12.03
N ALA A 55 -2.54 -16.80 -12.95
CA ALA A 55 -1.66 -17.94 -12.68
C ALA A 55 -0.19 -17.62 -12.40
N SER A 56 0.31 -16.51 -12.93
CA SER A 56 1.72 -16.16 -12.71
C SER A 56 1.88 -15.22 -11.53
N CYS A 57 0.82 -15.03 -10.75
CA CYS A 57 0.88 -14.12 -9.62
C CYS A 57 1.34 -14.71 -8.29
N PRO A 58 1.03 -15.99 -8.01
CA PRO A 58 1.45 -16.60 -6.74
C PRO A 58 2.88 -16.27 -6.30
N PRO A 59 3.86 -16.36 -7.21
CA PRO A 59 5.24 -16.05 -6.84
C PRO A 59 5.37 -14.64 -6.27
N ALA A 60 4.65 -13.69 -6.86
CA ALA A 60 4.68 -12.30 -6.42
C ALA A 60 3.96 -12.13 -5.09
N ASP A 61 2.93 -12.95 -4.89
CA ASP A 61 2.15 -12.90 -3.66
C ASP A 61 3.04 -13.36 -2.51
N GLU A 62 3.85 -14.38 -2.77
CA GLU A 62 4.76 -14.90 -1.76
C GLU A 62 5.81 -13.85 -1.44
N ALA A 63 6.33 -13.21 -2.48
CA ALA A 63 7.34 -12.17 -2.32
C ALA A 63 6.83 -11.11 -1.35
N LEU A 64 5.62 -10.62 -1.61
CA LEU A 64 5.03 -9.59 -0.75
C LEU A 64 4.86 -10.08 0.69
N ARG A 65 4.36 -11.29 0.85
CA ARG A 65 4.16 -11.85 2.17
C ARG A 65 5.45 -11.83 2.97
N LYS A 66 6.56 -12.15 2.31
CA LYS A 66 7.88 -12.18 2.95
C LYS A 66 8.34 -10.78 3.38
N ILE A 68 6.29 -8.24 3.96
CA ILE A 68 5.38 -7.80 5.02
C ILE A 68 5.80 -8.46 6.33
N GLN A 69 6.23 -9.72 6.27
CA GLN A 69 6.66 -10.42 7.47
C GLN A 69 7.90 -9.73 8.04
N LYS A 70 8.80 -9.29 7.17
CA LYS A 70 10.00 -8.61 7.64
C LYS A 70 9.67 -7.24 8.22
N GLY A 71 8.59 -6.65 7.72
CA GLY A 71 8.14 -5.35 8.20
C GLY A 71 9.02 -4.14 7.87
N ASP A 72 9.92 -4.26 6.90
CA ASP A 72 10.77 -3.12 6.57
C ASP A 72 10.24 -2.27 5.42
N VAL A 73 9.04 -2.61 4.95
CA VAL A 73 8.39 -1.86 3.89
C VAL A 73 6.91 -1.82 4.19
N VAL A 74 6.22 -0.88 3.56
CA VAL A 74 4.77 -0.75 3.70
C VAL A 74 4.28 -1.53 2.50
N GLY A 75 3.73 -2.71 2.75
CA GLY A 75 3.26 -3.56 1.66
C GLY A 75 1.77 -3.63 1.52
N LEU A 76 1.30 -3.52 0.29
CA LEU A 76 -0.11 -3.56 -0.02
C LEU A 76 -0.40 -4.44 -1.23
N SER A 77 -1.50 -5.15 -1.18
CA SER A 77 -1.91 -6.00 -2.28
C SER A 77 -3.25 -5.50 -2.83
N TYR A 78 -3.27 -5.17 -4.12
CA TYR A 78 -4.49 -4.70 -4.78
C TYR A 78 -4.97 -5.74 -5.78
N HIS A 79 -6.03 -6.45 -5.45
CA HIS A 79 -6.56 -7.45 -6.38
C HIS A 79 -7.33 -6.77 -7.50
N VAL A 80 -6.89 -7.01 -8.73
CA VAL A 80 -7.53 -6.42 -9.91
C VAL A 80 -8.72 -7.26 -10.36
N ASP A 81 -9.65 -6.63 -11.08
CA ASP A 81 -10.84 -7.35 -11.52
C ASP A 81 -10.79 -7.95 -12.92
N TYR A 82 -9.73 -7.64 -13.68
CA TYR A 82 -9.68 -8.16 -15.03
C TYR A 82 -9.27 -9.62 -15.22
N TRP A 83 -9.36 -10.40 -14.15
CA TRP A 83 -9.03 -11.82 -14.22
C TRP A 83 -10.26 -12.62 -13.85
N ASN A 84 -11.36 -11.93 -13.63
CA ASN A 84 -12.61 -12.59 -13.27
C ASN A 84 -13.35 -12.95 -14.55
N TYR A 85 -14.04 -14.08 -14.53
CA TYR A 85 -14.80 -14.51 -15.70
C TYR A 85 -16.14 -15.13 -15.29
N LEU A 86 -16.11 -15.98 -14.27
CA LEU A 86 -17.34 -16.60 -13.78
C LEU A 86 -17.08 -17.59 -12.64
N GLY A 87 -15.95 -18.29 -12.71
CA GLY A 87 -15.60 -19.24 -11.68
C GLY A 87 -14.57 -18.71 -10.71
N TRP A 88 -13.31 -18.70 -11.14
CA TRP A 88 -12.21 -18.20 -10.32
C TRP A 88 -12.25 -16.69 -10.12
N THR A 89 -13.36 -16.19 -9.60
CA THR A 89 -13.54 -14.77 -9.36
C THR A 89 -13.33 -14.46 -7.88
N ASP A 90 -12.14 -13.99 -7.52
CA ASP A 90 -11.82 -13.68 -6.13
C ASP A 90 -12.67 -12.52 -5.60
N SER A 91 -13.22 -12.72 -4.40
CA SER A 91 -14.05 -11.72 -3.77
C SER A 91 -13.19 -10.62 -3.16
N LEU A 92 -11.93 -10.58 -3.57
CA LEU A 92 -10.99 -9.57 -3.07
C LEU A 92 -10.69 -8.51 -4.12
N ALA A 93 -11.17 -8.72 -5.34
CA ALA A 93 -10.92 -7.77 -6.42
C ALA A 93 -11.96 -6.66 -6.46
N SER A 94 -11.61 -5.57 -7.13
CA SER A 94 -12.51 -4.44 -7.27
C SER A 94 -12.11 -3.59 -8.45
N LYS A 95 -13.08 -2.87 -8.99
CA LYS A 95 -12.87 -1.99 -10.13
C LYS A 95 -11.99 -0.83 -9.70
N GLU A 96 -12.15 -0.38 -8.46
CA GLU A 96 -11.37 0.72 -7.92
C GLU A 96 -9.88 0.38 -7.88
N ASN A 97 -9.57 -0.87 -7.54
CA ASN A 97 -8.17 -1.30 -7.49
C ASN A 97 -7.59 -1.27 -8.88
N THR A 98 -8.35 -1.75 -9.84
CA THR A 98 -7.87 -1.75 -11.21
C THR A 98 -7.66 -0.32 -11.68
N GLU A 99 -8.58 0.58 -11.32
CA GLU A 99 -8.44 1.97 -11.72
C GLU A 99 -7.17 2.59 -11.18
N ARG A 100 -6.75 2.17 -9.98
CA ARG A 100 -5.52 2.70 -9.42
C ARG A 100 -4.33 2.23 -10.27
N GLN A 101 -4.36 0.99 -10.73
CA GLN A 101 -3.26 0.53 -11.57
C GLN A 101 -3.26 1.34 -12.87
N TYR A 102 -4.44 1.76 -13.34
CA TYR A 102 -4.53 2.56 -14.55
C TYR A 102 -3.90 3.93 -14.29
N GLY A 103 -4.19 4.48 -13.12
CA GLY A 103 -3.63 5.78 -12.76
C GLY A 103 -2.13 5.73 -12.82
N TYR A 104 -1.55 4.64 -12.33
CA TYR A 104 -0.11 4.46 -12.35
C TYR A 104 0.39 4.29 -13.77
N ARG A 106 -0.76 5.54 -16.51
CA ARG A 106 -0.70 6.86 -17.11
C ARG A 106 0.46 7.69 -16.56
N ALA A 107 0.56 7.76 -15.24
CA ALA A 107 1.64 8.54 -14.62
C ALA A 107 3.02 8.04 -15.05
N LEU A 108 3.17 6.73 -15.17
CA LEU A 108 4.45 6.16 -15.56
C LEU A 108 4.71 6.25 -17.07
N GLY A 109 3.73 6.77 -17.82
CA GLY A 109 3.87 6.90 -19.25
C GLY A 109 3.79 5.60 -20.03
N ARG A 110 3.22 4.56 -19.42
CA ARG A 110 3.08 3.27 -20.09
C ARG A 110 1.79 3.19 -20.91
N ASN A 111 1.66 2.18 -21.76
CA ASN A 111 0.45 2.04 -22.57
C ASN A 111 -0.32 0.77 -22.27
N GLY A 112 -0.07 0.18 -21.10
CA GLY A 112 -0.76 -1.04 -20.73
C GLY A 112 -0.55 -1.41 -19.29
N VAL A 113 -1.22 -2.48 -18.84
CA VAL A 113 -1.08 -2.98 -17.49
C VAL A 113 -0.89 -4.49 -17.56
N TYR A 114 -0.34 -5.05 -16.49
CA TYR A 114 -0.11 -6.48 -16.41
C TYR A 114 -0.07 -6.90 -14.94
N THR A 115 -0.13 -8.20 -14.70
CA THR A 115 -0.05 -8.71 -13.34
C THR A 115 0.87 -9.92 -13.41
N PRO A 116 1.71 -10.12 -12.38
CA PRO A 116 1.82 -9.28 -11.18
C PRO A 116 2.74 -8.09 -11.41
N GLN A 117 2.29 -6.91 -11.00
CA GLN A 117 3.06 -5.68 -11.15
C GLN A 117 3.20 -4.99 -9.81
N ALA A 118 4.42 -4.66 -9.44
CA ALA A 118 4.64 -3.96 -8.19
C ALA A 118 5.04 -2.52 -8.49
N ILE A 119 4.42 -1.59 -7.78
CA ILE A 119 4.71 -0.17 -7.93
C ILE A 119 5.51 0.20 -6.69
N LEU A 120 6.68 0.80 -6.90
CA LEU A 120 7.57 1.15 -5.78
C LEU A 120 7.58 2.65 -5.48
N ASN A 121 7.24 3.02 -4.25
CA ASN A 121 7.18 4.42 -3.82
C ASN A 121 6.34 5.26 -4.78
N GLY A 122 5.43 4.60 -5.49
CA GLY A 122 4.59 5.30 -6.44
C GLY A 122 5.38 5.93 -7.58
N ARG A 123 6.67 5.55 -7.69
CA ARG A 123 7.59 6.11 -8.69
C ARG A 123 7.96 5.23 -9.89
N ASP A 124 7.91 3.91 -9.73
CA ASP A 124 8.29 3.02 -10.82
C ASP A 124 7.64 1.64 -10.67
N HIS A 125 7.75 0.81 -11.70
CA HIS A 125 7.16 -0.52 -11.66
C HIS A 125 8.21 -1.60 -11.90
N VAL A 126 7.94 -2.80 -11.41
CA VAL A 126 8.83 -3.94 -11.55
C VAL A 126 8.02 -5.22 -11.42
N LYS A 127 8.56 -6.31 -11.94
CA LYS A 127 7.87 -7.60 -11.85
C LYS A 127 7.59 -7.85 -10.38
N GLY A 128 6.37 -8.29 -10.06
CA GLY A 128 6.01 -8.53 -8.68
C GLY A 128 6.86 -9.56 -7.93
N ALA A 129 7.39 -10.55 -8.65
CA ALA A 129 8.19 -11.59 -8.01
C ALA A 129 9.68 -11.27 -7.90
N ASP A 130 10.10 -10.14 -8.47
CA ASP A 130 11.51 -9.76 -8.43
C ASP A 130 11.89 -9.17 -7.08
N VAL A 131 11.96 -10.00 -6.06
CA VAL A 131 12.31 -9.55 -4.71
C VAL A 131 13.62 -8.76 -4.66
N ARG A 132 14.65 -9.27 -5.33
CA ARG A 132 15.94 -8.57 -5.34
C ARG A 132 15.81 -7.21 -6.00
N GLY A 133 15.11 -7.17 -7.13
CA GLY A 133 14.93 -5.91 -7.84
C GLY A 133 14.20 -4.85 -7.05
N ILE A 134 13.14 -5.25 -6.35
CA ILE A 134 12.38 -4.29 -5.57
C ILE A 134 13.20 -3.65 -4.46
N TYR A 135 13.89 -4.46 -3.66
CA TYR A 135 14.72 -3.92 -2.59
C TYR A 135 15.86 -3.07 -3.14
N ASP A 136 16.49 -3.52 -4.23
CA ASP A 136 17.58 -2.75 -4.82
C ASP A 136 17.06 -1.42 -5.37
N ARG A 137 15.84 -1.43 -5.89
CA ARG A 137 15.23 -0.23 -6.43
C ARG A 137 14.94 0.74 -5.28
N LEU A 138 14.34 0.23 -4.21
CA LEU A 138 14.02 1.07 -3.05
C LEU A 138 15.28 1.70 -2.47
N ASP A 139 16.37 0.95 -2.48
CA ASP A 139 17.65 1.45 -1.96
C ASP A 139 18.16 2.56 -2.85
N ALA A 140 18.03 2.38 -4.16
CA ALA A 140 18.46 3.38 -5.13
C ALA A 140 17.70 4.68 -4.90
N PHE A 141 16.41 4.55 -4.58
CA PHE A 141 15.59 5.73 -4.33
C PHE A 141 16.10 6.47 -3.10
N LYS A 142 16.35 5.73 -2.02
CA LYS A 142 16.83 6.32 -0.77
C LYS A 142 18.15 7.06 -0.97
N ARG A 143 19.08 6.46 -1.70
CA ARG A 143 20.39 7.05 -1.96
C ARG A 143 20.26 8.36 -2.74
N GLU A 144 19.12 8.56 -3.38
CA GLU A 144 18.90 9.77 -4.15
C GLU A 144 17.95 10.72 -3.42
N GLY A 145 17.62 10.37 -2.18
CA GLY A 145 16.73 11.22 -1.41
C GLY A 145 15.31 11.16 -1.94
N GLN A 146 14.98 10.06 -2.60
CA GLN A 146 13.65 9.86 -3.17
C GLN A 146 12.93 8.77 -2.41
N GLY A 147 13.32 8.61 -1.14
CA GLY A 147 12.68 7.61 -0.30
C GLY A 147 11.56 8.28 0.47
N LEU A 148 11.20 7.71 1.61
CA LEU A 148 10.14 8.27 2.45
C LEU A 148 10.75 9.34 3.36
N ASN A 149 10.87 10.56 2.84
CA ASN A 149 11.47 11.67 3.57
C ASN A 149 10.60 12.42 4.58
N VAL A 150 9.29 12.24 4.48
CA VAL A 150 8.36 12.90 5.39
C VAL A 150 7.85 11.93 6.42
N PRO A 151 8.04 12.24 7.72
CA PRO A 151 7.56 11.33 8.75
C PRO A 151 6.04 11.26 8.81
N VAL A 152 5.53 10.03 8.93
CA VAL A 152 4.10 9.78 9.02
C VAL A 152 3.90 8.77 10.15
N SER A 153 2.99 9.09 11.05
CA SER A 153 2.70 8.23 12.20
C SER A 153 1.19 8.03 12.28
N SER A 154 0.78 6.88 12.78
CA SER A 154 -0.64 6.59 12.90
C SER A 154 -0.89 5.75 14.15
N LYS A 155 -2.03 5.98 14.79
CA LYS A 155 -2.38 5.26 16.00
C LYS A 155 -3.86 5.44 16.30
N PHE A 156 -4.36 4.59 17.18
CA PHE A 156 -5.76 4.64 17.62
C PHE A 156 -5.81 5.57 18.83
N ALA A 157 -6.71 6.54 18.77
CA ALA A 157 -6.90 7.49 19.87
C ALA A 157 -8.16 7.09 20.65
N GLY A 158 -8.22 5.83 21.04
CA GLY A 158 -9.37 5.35 21.77
C GLY A 158 -10.45 4.87 20.81
N ASP A 159 -11.31 5.79 20.40
CA ASP A 159 -12.39 5.47 19.46
C ASP A 159 -12.22 6.26 18.17
N GLU A 160 -11.00 6.75 17.94
CA GLU A 160 -10.69 7.51 16.74
C GLU A 160 -9.32 7.13 16.20
N VAL A 161 -9.02 7.54 14.98
CA VAL A 161 -7.72 7.26 14.38
C VAL A 161 -7.00 8.59 14.19
N GLU A 162 -5.75 8.63 14.65
CA GLU A 162 -4.94 9.83 14.54
C GLU A 162 -3.75 9.61 13.63
N ILE A 163 -3.63 10.47 12.62
CA ILE A 163 -2.54 10.41 11.67
C ILE A 163 -1.72 11.68 11.83
N ASP A 164 -0.44 11.51 12.12
CA ASP A 164 0.49 12.63 12.30
C ASP A 164 1.46 12.71 11.13
N ILE A 165 1.51 13.87 10.49
CA ILE A 165 2.39 14.08 9.35
C ILE A 165 3.39 15.19 9.65
N GLY A 166 4.65 14.96 9.29
CA GLY A 166 5.69 15.94 9.53
C GLY A 166 5.83 17.01 8.47
N ALA A 167 6.82 17.88 8.65
CA ALA A 167 7.07 18.97 7.73
C ALA A 167 7.79 18.54 6.45
N GLY A 168 7.53 19.27 5.38
CA GLY A 168 8.15 18.99 4.09
C GLY A 168 7.84 20.08 3.10
N ASN A 169 7.99 19.77 1.82
CA ASN A 169 7.73 20.72 0.74
C ASN A 169 6.79 20.13 -0.30
N GLY A 170 6.03 20.99 -0.95
CA GLY A 170 5.11 20.53 -1.98
C GLY A 170 3.73 20.23 -1.46
N LYS A 171 2.93 19.58 -2.30
CA LYS A 171 1.57 19.21 -1.93
C LYS A 171 1.34 17.73 -2.16
N ALA A 172 0.55 17.11 -1.29
CA ALA A 172 0.28 15.69 -1.43
C ALA A 172 -1.02 15.34 -0.75
N ASP A 173 -1.68 14.30 -1.22
CA ASP A 173 -2.91 13.89 -0.60
C ASP A 173 -2.57 12.91 0.51
N VAL A 174 -3.39 12.92 1.55
CA VAL A 174 -3.21 11.98 2.63
C VAL A 174 -4.14 10.84 2.24
N VAL A 175 -3.55 9.78 1.68
CA VAL A 175 -4.33 8.62 1.22
C VAL A 175 -4.31 7.46 2.21
N VAL A 176 -5.48 6.88 2.47
CA VAL A 176 -5.56 5.75 3.38
C VAL A 176 -6.09 4.54 2.62
N ALA A 177 -5.32 3.47 2.65
CA ALA A 177 -5.69 2.23 1.98
C ALA A 177 -6.03 1.22 3.07
N TYR A 178 -7.28 0.78 3.08
CA TYR A 178 -7.76 -0.18 4.07
C TYR A 178 -7.59 -1.59 3.55
N PHE A 179 -7.10 -2.49 4.39
CA PHE A 179 -6.90 -3.87 3.97
C PHE A 179 -7.21 -4.86 5.07
N THR A 180 -7.38 -6.11 4.65
CA THR A 180 -7.60 -7.19 5.59
C THR A 180 -6.17 -7.66 5.82
N ARG A 181 -5.87 -8.11 7.03
CA ARG A 181 -4.55 -8.57 7.37
C ARG A 181 -4.22 -9.83 6.57
N GLU A 182 -5.03 -10.86 6.74
CA GLU A 182 -4.86 -12.11 6.02
C GLU A 182 -6.23 -12.67 5.65
N GLN A 183 -6.42 -13.03 4.40
CA GLN A 183 -7.70 -13.57 3.98
C GLN A 183 -7.49 -14.83 3.16
N THR A 184 -8.24 -15.88 3.49
CA THR A 184 -8.11 -17.13 2.77
C THR A 184 -9.27 -17.29 1.80
N VAL A 185 -8.97 -17.83 0.62
CA VAL A 185 -9.98 -18.04 -0.41
C VAL A 185 -9.90 -19.48 -0.89
N ASP A 186 -11.04 -20.03 -1.33
CA ASP A 186 -11.08 -21.39 -1.83
C ASP A 186 -10.43 -21.44 -3.21
N VAL A 187 -9.55 -22.41 -3.43
CA VAL A 187 -8.87 -22.55 -4.71
C VAL A 187 -9.78 -23.18 -5.76
N LYS A 195 -9.16 -26.86 -1.75
CA LYS A 195 -7.97 -26.24 -1.19
C LYS A 195 -8.24 -24.80 -0.76
N LYS A 196 -7.22 -24.14 -0.21
CA LYS A 196 -7.35 -22.77 0.25
C LYS A 196 -6.04 -22.00 0.11
N SER A 198 -3.96 -18.18 0.77
CA SER A 198 -3.96 -17.02 1.65
C SER A 198 -3.34 -15.79 1.01
N TYR A 199 -3.98 -14.64 1.19
CA TYR A 199 -3.51 -13.37 0.67
C TYR A 199 -3.35 -12.41 1.83
N TRP A 200 -2.35 -11.55 1.76
CA TRP A 200 -2.07 -10.60 2.83
C TRP A 200 -2.17 -9.15 2.39
N HIS A 201 -2.65 -8.30 3.29
CA HIS A 201 -2.81 -6.87 3.06
C HIS A 201 -3.61 -6.53 1.80
N SER A 202 -4.68 -7.29 1.58
CA SER A 202 -5.57 -7.10 0.44
C SER A 202 -6.42 -5.85 0.65
N VAL A 203 -6.15 -4.83 -0.15
CA VAL A 203 -6.86 -3.56 -0.07
C VAL A 203 -8.30 -3.65 -0.58
N TYR A 204 -9.25 -3.19 0.23
CA TYR A 204 -10.66 -3.21 -0.18
C TYR A 204 -11.28 -1.83 -0.29
N ASP A 205 -10.53 -0.81 0.10
CA ASP A 205 -11.02 0.57 0.00
C ASP A 205 -9.86 1.55 0.14
N VAL A 206 -9.89 2.59 -0.67
CA VAL A 206 -8.87 3.63 -0.67
C VAL A 206 -9.57 4.98 -0.65
N GLN A 207 -9.14 5.88 0.23
CA GLN A 207 -9.76 7.19 0.30
C GLN A 207 -8.78 8.27 0.71
N THR A 208 -9.02 9.48 0.21
CA THR A 208 -8.19 10.63 0.52
C THR A 208 -8.83 11.33 1.70
N VAL A 209 -8.09 11.48 2.79
CA VAL A 209 -8.64 12.08 3.99
C VAL A 209 -8.23 13.53 4.25
N GLY A 210 -7.41 14.08 3.36
CA GLY A 210 -6.98 15.46 3.53
C GLY A 210 -5.85 15.80 2.59
N TRP A 212 -1.97 17.69 2.29
CA TRP A 212 -0.77 18.13 3.00
C TRP A 212 -0.14 19.22 2.14
N ASP A 213 0.32 20.31 2.76
CA ASP A 213 0.93 21.39 2.00
C ASP A 213 2.38 21.67 2.41
N GLY A 214 2.99 20.72 3.11
CA GLY A 214 4.36 20.89 3.55
C GLY A 214 4.39 21.18 5.04
N SER A 215 3.27 21.66 5.56
CA SER A 215 3.16 21.97 6.99
C SER A 215 2.83 20.72 7.80
N PRO A 216 3.33 20.65 9.04
CA PRO A 216 3.04 19.48 9.87
C PRO A 216 1.53 19.46 10.13
N THR A 218 -2.12 17.02 11.66
CA THR A 218 -2.69 15.89 12.36
C THR A 218 -4.12 15.75 11.87
N VAL A 219 -4.46 14.56 11.38
CA VAL A 219 -5.79 14.28 10.87
C VAL A 219 -6.50 13.30 11.77
N LYS A 220 -7.68 13.67 12.26
CA LYS A 220 -8.45 12.78 13.12
C LYS A 220 -9.58 12.12 12.33
N LEU A 221 -9.67 10.80 12.43
CA LEU A 221 -10.70 10.01 11.75
C LEU A 221 -11.68 9.46 12.80
N PRO A 222 -12.98 9.42 12.47
CA PRO A 222 -14.05 8.92 13.36
C PRO A 222 -14.08 7.43 13.63
N ALA A 223 -15.00 7.03 14.52
CA ALA A 223 -15.15 5.63 14.90
C ALA A 223 -15.40 4.72 13.69
N SER A 224 -16.06 5.26 12.67
CA SER A 224 -16.35 4.48 11.47
C SER A 224 -15.04 4.02 10.83
N VAL A 225 -14.01 4.82 10.96
CA VAL A 225 -12.70 4.47 10.41
C VAL A 225 -12.02 3.44 11.30
N VAL A 226 -12.13 3.64 12.61
CA VAL A 226 -11.55 2.71 13.56
C VAL A 226 -12.06 1.30 13.25
N ALA A 227 -13.36 1.18 13.04
CA ALA A 227 -13.97 -0.11 12.73
C ALA A 227 -13.36 -0.74 11.48
N LYS A 228 -13.10 0.08 10.47
CA LYS A 228 -12.52 -0.43 9.23
C LYS A 228 -11.07 -0.90 9.43
N VAL A 229 -10.27 -0.10 10.13
CA VAL A 229 -8.89 -0.50 10.35
C VAL A 229 -8.86 -1.82 11.15
N LYS A 230 -9.80 -1.97 12.08
CA LYS A 230 -9.88 -3.17 12.90
C LYS A 230 -10.15 -4.44 12.10
N LYS A 231 -10.63 -4.29 10.86
CA LYS A 231 -10.91 -5.45 10.01
C LYS A 231 -9.60 -6.02 9.48
N GLY A 232 -8.51 -5.31 9.73
CA GLY A 232 -7.20 -5.75 9.26
C GLY A 232 -6.22 -4.65 9.60
N GLY A 233 -6.15 -3.65 8.73
CA GLY A 233 -5.26 -2.55 8.97
C GLY A 233 -5.41 -1.52 7.88
N CYS A 234 -4.52 -0.53 7.89
CA CYS A 234 -4.56 0.48 6.86
C CYS A 234 -3.15 1.01 6.69
N ALA A 235 -2.91 1.60 5.53
CA ALA A 235 -1.62 2.17 5.21
C ALA A 235 -1.91 3.62 4.89
N VAL A 236 -1.14 4.54 5.46
CA VAL A 236 -1.30 5.95 5.18
C VAL A 236 -0.20 6.26 4.18
N LEU A 237 -0.61 6.80 3.03
CA LEU A 237 0.35 7.13 1.99
C LEU A 237 0.31 8.63 1.71
N LEU A 238 1.42 9.32 1.93
CA LEU A 238 1.45 10.76 1.64
C LEU A 238 1.88 10.79 0.18
N GLN A 239 0.89 10.84 -0.70
CA GLN A 239 1.15 10.78 -2.13
C GLN A 239 0.92 12.01 -2.99
N THR A 240 1.96 12.34 -3.76
CA THR A 240 1.90 13.48 -4.66
C THR A 240 1.20 13.01 -5.93
N ALA A 241 0.88 13.95 -6.81
CA ALA A 241 0.21 13.65 -8.06
C ALA A 241 0.87 14.45 -9.18
N ASN A 242 0.73 13.98 -10.41
CA ASN A 242 1.31 14.70 -11.54
C ASN A 242 0.33 15.77 -12.04
N ALA A 243 0.67 16.40 -13.16
CA ALA A 243 -0.17 17.45 -13.73
C ALA A 243 -1.58 17.00 -14.08
N SER A 244 -1.72 15.72 -14.42
CA SER A 244 -3.01 15.15 -14.79
C SER A 244 -3.81 14.71 -13.56
N GLY A 245 -3.14 14.70 -12.41
CA GLY A 245 -3.80 14.29 -11.19
C GLY A 245 -3.67 12.82 -10.87
N ASP A 246 -2.82 12.12 -11.61
CA ASP A 246 -2.65 10.69 -11.37
C ASP A 246 -1.64 10.42 -10.24
N PRO A 247 -1.77 9.27 -9.55
CA PRO A 247 -0.85 8.94 -8.45
C PRO A 247 0.62 9.01 -8.83
N ALA A 248 1.40 9.74 -8.03
CA ALA A 248 2.82 9.88 -8.27
C ALA A 248 3.64 9.50 -7.03
N ALA A 249 4.86 10.01 -6.94
CA ALA A 249 5.74 9.68 -5.82
C ALA A 249 5.08 9.78 -4.44
N ILE A 250 5.33 8.76 -3.62
CA ILE A 250 4.83 8.70 -2.26
C ILE A 250 6.05 9.14 -1.44
N VAL A 251 5.92 10.24 -0.72
CA VAL A 251 7.03 10.79 0.05
C VAL A 251 7.03 10.45 1.54
N GLY A 252 5.98 9.76 1.99
CA GLY A 252 5.88 9.37 3.38
C GLY A 252 4.86 8.26 3.49
N ALA A 253 5.01 7.37 4.46
CA ALA A 253 4.07 6.29 4.61
C ALA A 253 4.12 5.63 5.97
N SER A 254 3.00 5.02 6.35
CA SER A 254 2.88 4.36 7.63
C SER A 254 1.80 3.31 7.59
N ILE A 255 1.93 2.29 8.43
CA ILE A 255 0.92 1.27 8.52
C ILE A 255 0.42 1.20 9.94
N LEU A 256 -0.89 1.04 10.07
CA LEU A 256 -1.52 0.92 11.37
C LEU A 256 -2.27 -0.40 11.32
N LEU A 257 -1.91 -1.33 12.19
CA LEU A 257 -2.61 -2.62 12.19
C LEU A 257 -3.73 -2.58 13.20
N GLY A 258 -4.82 -3.27 12.89
CA GLY A 258 -5.97 -3.30 13.78
C GLY A 258 -5.59 -3.89 15.14
N ASN A 259 -4.71 -4.88 15.13
CA ASN A 259 -4.26 -5.51 16.36
C ASN A 259 -3.17 -4.66 17.01
N GLU A 260 -3.49 -4.04 18.14
CA GLU A 260 -2.52 -3.20 18.85
C GLU A 260 -1.87 -3.92 20.02
N THR A 261 -1.63 -5.22 19.85
CA THR A 261 -1.00 -6.03 20.90
C THR A 261 0.50 -5.69 21.01
N GLN A 262 0.93 -5.37 22.22
CA GLN A 262 2.32 -5.04 22.49
C GLN A 262 3.05 -6.29 22.96
N LEU A 263 4.02 -6.76 22.16
CA LEU A 263 4.79 -7.94 22.52
C LEU A 263 6.06 -7.55 23.27
N GLU A 264 6.20 -8.04 24.49
CA GLU A 264 7.37 -7.73 25.29
C GLU A 264 8.04 -8.96 25.87
N HIS A 265 9.35 -8.89 26.03
CA HIS A 265 10.14 -9.98 26.58
C HIS A 265 10.80 -9.47 27.87
N HIS A 266 10.73 -10.28 28.92
CA HIS A 266 11.31 -9.91 30.20
C HIS A 266 12.15 -11.04 30.76
#